data_5FT2
#
_entry.id   5FT2
#
_cell.length_a   1.000
_cell.length_b   1.000
_cell.length_c   1.000
_cell.angle_alpha   90.00
_cell.angle_beta   90.00
_cell.angle_gamma   90.00
#
_symmetry.space_group_name_H-M   'P 1'
#
loop_
_entity.id
_entity.type
_entity.pdbx_description
1 polymer 'PRE-GLYCOPROTEIN POLYPROTEIN GP COMPLEX'
2 branched 2-acetamido-2-deoxy-beta-D-glucopyranose-(1-4)-2-acetamido-2-deoxy-beta-D-glucopyranose
3 non-polymer 2-acetamido-2-deoxy-beta-D-glucopyranose
4 water water
#
_entity_poly.entity_id   1
_entity_poly.type   'polypeptide(L)'
_entity_poly.pdbx_seq_one_letter_code
;SHHHHHHGGMETLNMTMPLSCTKNNSHHYIMVGNETGLELTLTNTSIINHKFCNLSDAHKKNLYDHALMSIISTFHLSIP
NFNQYEAMSCDFNGGKISVQYNLSHSYAGDAANHCGTVANGVLQTFMRMAWGGSYIALDSGRGNWDCIMTSYQYLIIQNT
TWEDHCQFSRPS
;
_entity_poly.pdbx_strand_id   B
#
loop_
_chem_comp.id
_chem_comp.type
_chem_comp.name
_chem_comp.formula
NAG D-saccharide, beta linking 2-acetamido-2-deoxy-beta-D-glucopyranose 'C8 H15 N O6'
#
# COMPACT_ATOMS: atom_id res chain seq x y z
N THR A 16 4.36 -22.26 1.71
CA THR A 16 5.19 -21.37 0.90
C THR A 16 4.38 -20.20 0.37
N MET A 17 4.99 -19.02 0.38
CA MET A 17 4.30 -17.78 0.04
C MET A 17 4.02 -17.62 -1.46
N PRO A 18 2.92 -16.93 -1.80
CA PRO A 18 2.58 -16.65 -3.20
C PRO A 18 3.54 -15.67 -3.85
N LEU A 19 3.42 -15.48 -5.16
CA LEU A 19 4.28 -14.55 -5.87
C LEU A 19 3.69 -13.14 -5.84
N SER A 20 4.57 -12.15 -5.80
CA SER A 20 4.17 -10.77 -5.95
C SER A 20 4.08 -10.45 -7.44
N CYS A 21 5.12 -10.84 -8.18
CA CYS A 21 5.16 -10.60 -9.63
C CYS A 21 4.35 -11.64 -10.41
N THR A 22 3.10 -11.33 -10.69
CA THR A 22 2.23 -12.20 -11.48
C THR A 22 1.46 -11.36 -12.49
N LYS A 23 0.93 -12.00 -13.53
CA LYS A 23 0.16 -11.29 -14.56
C LYS A 23 -1.10 -10.64 -14.01
N ASN A 24 -1.61 -11.14 -12.89
CA ASN A 24 -2.85 -10.62 -12.31
C ASN A 24 -2.57 -9.52 -11.30
N ASN A 25 -1.30 -9.31 -10.98
CA ASN A 25 -0.94 -8.29 -10.01
C ASN A 25 -0.29 -7.08 -10.65
N SER A 26 -0.46 -5.94 -10.01
CA SER A 26 0.28 -4.73 -10.36
C SER A 26 1.27 -4.47 -9.24
N HIS A 27 2.53 -4.27 -9.58
CA HIS A 27 3.55 -4.14 -8.57
C HIS A 27 4.62 -3.10 -8.90
N HIS A 28 5.20 -2.53 -7.85
CA HIS A 28 6.33 -1.63 -7.98
C HIS A 28 7.21 -1.71 -6.74
N TYR A 29 8.52 -1.57 -6.95
CA TYR A 29 9.46 -1.64 -5.85
C TYR A 29 10.08 -0.28 -5.59
N ILE A 30 10.01 0.14 -4.33
CA ILE A 30 10.64 1.38 -3.91
C ILE A 30 11.95 1.06 -3.20
N MET A 31 13.06 1.55 -3.74
CA MET A 31 14.37 1.32 -3.15
C MET A 31 14.70 2.40 -2.14
N VAL A 32 14.39 2.16 -0.87
CA VAL A 32 14.63 3.16 0.16
C VAL A 32 16.09 3.22 0.58
N GLY A 33 16.59 2.11 1.11
CA GLY A 33 17.98 2.03 1.53
C GLY A 33 18.88 1.54 0.42
N ASN A 34 20.12 1.26 0.79
CA ASN A 34 21.11 0.73 -0.15
C ASN A 34 20.82 -0.76 -0.43
N GLU A 35 20.18 -1.43 0.51
CA GLU A 35 19.88 -2.86 0.33
C GLU A 35 18.46 -3.25 0.74
N THR A 36 17.75 -2.35 1.41
CA THR A 36 16.34 -2.59 1.77
C THR A 36 15.40 -1.73 0.92
N GLY A 37 14.10 -2.04 1.00
CA GLY A 37 13.10 -1.25 0.30
C GLY A 37 11.69 -1.76 0.54
N LEU A 38 10.74 -1.25 -0.24
CA LEU A 38 9.34 -1.65 -0.10
C LEU A 38 8.79 -2.23 -1.39
N GLU A 39 8.17 -3.40 -1.30
CA GLU A 39 7.49 -3.95 -2.45
C GLU A 39 6.00 -3.66 -2.35
N LEU A 40 5.52 -2.76 -3.20
CA LEU A 40 4.09 -2.44 -3.24
C LEU A 40 3.37 -3.34 -4.24
N THR A 41 2.37 -4.07 -3.77
CA THR A 41 1.64 -5.00 -4.62
C THR A 41 0.13 -4.81 -4.56
N LEU A 42 -0.47 -4.54 -5.70
CA LEU A 42 -1.93 -4.50 -5.81
C LEU A 42 -2.39 -5.89 -6.25
N THR A 43 -3.19 -6.53 -5.41
CA THR A 43 -3.53 -7.93 -5.62
C THR A 43 -4.91 -8.26 -5.08
N ASN A 44 -5.43 -9.41 -5.49
CA ASN A 44 -6.64 -9.97 -4.89
C ASN A 44 -6.28 -11.08 -3.91
N THR A 45 -4.99 -11.18 -3.60
CA THR A 45 -4.47 -12.15 -2.66
C THR A 45 -4.22 -11.55 -1.28
N SER A 46 -4.92 -12.06 -0.28
CA SER A 46 -4.71 -11.59 1.09
C SER A 46 -3.45 -12.22 1.64
N ILE A 47 -2.64 -11.43 2.35
CA ILE A 47 -1.37 -11.92 2.85
C ILE A 47 -1.42 -11.97 4.39
N ILE A 48 -2.06 -10.98 4.99
CA ILE A 48 -2.31 -10.95 6.43
C ILE A 48 -3.74 -11.38 6.76
N ASN A 49 -3.86 -12.40 7.60
CA ASN A 49 -5.16 -13.01 7.87
C ASN A 49 -5.85 -12.57 9.17
N HIS A 50 -5.31 -11.57 9.86
CA HIS A 50 -5.95 -11.05 11.06
C HIS A 50 -6.34 -9.58 10.91
N LYS A 51 -7.02 -9.04 11.93
CA LYS A 51 -7.54 -7.68 11.91
C LYS A 51 -6.71 -6.71 12.74
N PHE A 52 -5.45 -7.06 13.00
CA PHE A 52 -4.64 -6.28 13.92
C PHE A 52 -3.48 -5.52 13.28
N CYS A 53 -3.08 -4.43 13.92
CA CYS A 53 -1.81 -3.77 13.63
C CYS A 53 -1.14 -3.38 14.95
N ASN A 54 -0.57 -4.36 15.63
CA ASN A 54 0.02 -4.14 16.95
C ASN A 54 1.36 -3.43 16.90
N LEU A 55 1.34 -2.10 17.02
CA LEU A 55 2.56 -1.33 17.16
C LEU A 55 2.91 -1.20 18.64
N SER A 56 3.10 -2.34 19.29
CA SER A 56 3.17 -2.46 20.74
C SER A 56 4.42 -1.87 21.39
N ASP A 57 5.46 -1.62 20.61
CA ASP A 57 6.68 -1.00 21.13
C ASP A 57 7.12 0.17 20.27
N ALA A 58 8.00 1.02 20.81
CA ALA A 58 8.48 2.20 20.11
C ALA A 58 9.24 1.85 18.82
N HIS A 59 9.87 0.68 18.80
CA HIS A 59 10.63 0.24 17.62
C HIS A 59 9.72 -0.10 16.45
N LYS A 60 8.70 -0.92 16.71
CA LYS A 60 7.74 -1.31 15.68
C LYS A 60 7.01 -0.08 15.18
N LYS A 61 6.80 0.84 16.11
CA LYS A 61 6.08 2.08 15.84
C LYS A 61 6.86 2.97 14.87
N ASN A 62 8.18 2.98 14.99
CA ASN A 62 9.04 3.75 14.09
C ASN A 62 9.24 3.08 12.74
N LEU A 63 9.30 1.76 12.72
CA LEU A 63 9.43 1.03 11.47
C LEU A 63 8.19 1.27 10.62
N TYR A 64 7.04 1.33 11.29
CA TYR A 64 5.78 1.59 10.61
C TYR A 64 5.77 2.98 9.99
N ASP A 65 6.17 3.98 10.77
CA ASP A 65 6.20 5.36 10.28
C ASP A 65 7.23 5.53 9.18
N HIS A 66 8.36 4.82 9.32
CA HIS A 66 9.42 4.88 8.31
C HIS A 66 8.93 4.34 6.98
N ALA A 67 8.11 3.31 7.03
CA ALA A 67 7.59 2.68 5.82
C ALA A 67 6.68 3.65 5.08
N LEU A 68 5.74 4.25 5.82
CA LEU A 68 4.77 5.15 5.22
C LEU A 68 5.40 6.47 4.77
N MET A 69 6.33 7.01 5.55
CA MET A 69 7.01 8.25 5.15
C MET A 69 7.81 8.05 3.86
N SER A 70 8.42 6.88 3.71
CA SER A 70 9.18 6.54 2.50
C SER A 70 8.27 6.57 1.29
N ILE A 71 7.06 6.06 1.45
CA ILE A 71 6.05 6.07 0.39
C ILE A 71 5.60 7.49 0.08
N ILE A 72 5.30 8.24 1.14
CA ILE A 72 4.81 9.61 1.01
C ILE A 72 5.85 10.53 0.37
N SER A 73 7.13 10.35 0.73
CA SER A 73 8.21 11.14 0.16
C SER A 73 8.42 10.82 -1.31
N THR A 74 8.57 9.53 -1.60
CA THR A 74 8.87 9.04 -2.94
C THR A 74 7.78 9.36 -3.95
N PHE A 75 6.52 9.23 -3.54
CA PHE A 75 5.42 9.47 -4.46
C PHE A 75 4.96 10.91 -4.37
N HIS A 76 5.63 11.68 -3.51
CA HIS A 76 5.30 13.09 -3.28
C HIS A 76 3.82 13.28 -2.92
N LEU A 77 3.30 12.42 -2.06
CA LEU A 77 1.90 12.46 -1.68
C LEU A 77 1.56 13.60 -0.72
N SER A 78 0.76 14.54 -1.19
CA SER A 78 0.18 15.54 -0.30
C SER A 78 -1.24 15.08 0.04
N ILE A 79 -1.34 14.22 1.05
CA ILE A 79 -2.60 13.57 1.40
C ILE A 79 -3.53 14.50 2.19
N PRO A 80 -4.75 14.70 1.67
CA PRO A 80 -5.75 15.54 2.33
C PRO A 80 -6.27 14.96 3.66
N ASN A 81 -6.70 15.87 4.54
CA ASN A 81 -7.29 15.54 5.82
C ASN A 81 -8.81 15.42 5.71
N PHE A 82 -9.30 14.20 5.49
CA PHE A 82 -10.73 13.98 5.35
C PHE A 82 -11.33 13.15 6.48
N ASN A 83 -10.52 12.82 7.49
CA ASN A 83 -10.95 11.94 8.57
C ASN A 83 -11.40 10.58 8.06
N GLN A 84 -10.67 10.04 7.08
CA GLN A 84 -11.01 8.76 6.46
C GLN A 84 -9.90 7.73 6.69
N TYR A 85 -10.24 6.45 6.58
CA TYR A 85 -9.27 5.40 6.87
C TYR A 85 -9.43 4.20 5.95
N GLU A 86 -8.34 3.53 5.65
CA GLU A 86 -8.43 2.23 4.99
C GLU A 86 -8.36 1.15 6.05
N ALA A 87 -9.12 0.08 5.88
CA ALA A 87 -8.96 -1.07 6.74
C ALA A 87 -7.52 -1.54 6.58
N MET A 88 -6.80 -1.66 7.68
CA MET A 88 -5.39 -1.95 7.59
C MET A 88 -4.93 -2.95 8.65
N SER A 89 -4.23 -3.99 8.20
CA SER A 89 -3.54 -4.90 9.10
C SER A 89 -2.04 -4.74 8.91
N CYS A 90 -1.28 -5.06 9.95
CA CYS A 90 0.16 -5.09 9.83
C CYS A 90 0.78 -6.19 10.69
N ASP A 91 1.98 -6.61 10.31
CA ASP A 91 2.68 -7.67 11.04
C ASP A 91 4.18 -7.50 10.92
N PHE A 92 4.92 -8.18 11.80
CA PHE A 92 6.37 -8.08 11.81
C PHE A 92 7.04 -9.44 11.76
N ASN A 93 8.08 -9.51 10.93
CA ASN A 93 8.89 -10.71 10.78
C ASN A 93 10.35 -10.37 11.04
N GLY A 94 10.72 -10.32 12.32
CA GLY A 94 12.08 -10.00 12.70
C GLY A 94 12.55 -8.64 12.21
N GLY A 95 11.77 -7.60 12.50
CA GLY A 95 12.15 -6.25 12.14
C GLY A 95 11.67 -5.78 10.78
N LYS A 96 11.13 -6.71 9.99
CA LYS A 96 10.63 -6.39 8.66
C LYS A 96 9.10 -6.36 8.63
N ILE A 97 8.55 -5.18 8.37
CA ILE A 97 7.11 -4.97 8.47
C ILE A 97 6.34 -5.41 7.22
N SER A 98 5.10 -5.87 7.44
CA SER A 98 4.15 -6.12 6.36
C SER A 98 2.89 -5.30 6.62
N VAL A 99 2.41 -4.58 5.61
CA VAL A 99 1.16 -3.83 5.76
C VAL A 99 0.16 -4.23 4.68
N GLN A 100 -1.04 -4.60 5.10
CA GLN A 100 -2.10 -4.94 4.16
C GLN A 100 -3.27 -3.97 4.29
N TYR A 101 -3.63 -3.35 3.17
CA TYR A 101 -4.82 -2.52 3.12
C TYR A 101 -5.95 -3.28 2.48
N ASN A 102 -7.05 -3.43 3.20
CA ASN A 102 -8.26 -3.96 2.62
C ASN A 102 -9.02 -2.83 1.97
N LEU A 103 -8.76 -2.64 0.67
CA LEU A 103 -9.20 -1.46 -0.06
C LEU A 103 -10.72 -1.36 -0.19
N SER A 104 -11.23 -0.17 0.08
CA SER A 104 -12.63 0.14 -0.20
C SER A 104 -12.71 1.15 -1.34
N HIS A 105 -12.35 0.69 -2.54
CA HIS A 105 -12.32 1.57 -3.72
C HIS A 105 -13.05 0.92 -4.89
N SER A 106 -13.90 -0.05 -4.59
CA SER A 106 -14.52 -0.85 -5.63
C SER A 106 -15.67 -0.12 -6.32
N TYR A 107 -16.32 0.78 -5.60
CA TYR A 107 -17.39 1.57 -6.20
C TYR A 107 -17.19 3.06 -5.86
N ALA A 108 -17.81 3.92 -6.66
CA ALA A 108 -17.57 5.36 -6.62
C ALA A 108 -17.69 5.99 -5.23
N GLY A 109 -18.74 5.62 -4.50
CA GLY A 109 -18.94 6.15 -3.16
C GLY A 109 -17.83 5.75 -2.21
N ASP A 110 -17.35 4.51 -2.35
CA ASP A 110 -16.26 4.01 -1.52
C ASP A 110 -14.96 4.76 -1.75
N ALA A 111 -14.63 5.00 -3.01
CA ALA A 111 -13.42 5.76 -3.33
C ALA A 111 -13.52 7.16 -2.74
N ALA A 112 -14.69 7.77 -2.85
CA ALA A 112 -14.92 9.10 -2.33
C ALA A 112 -14.82 9.16 -0.81
N ASN A 113 -15.15 8.05 -0.15
CA ASN A 113 -15.14 7.98 1.30
C ASN A 113 -13.84 7.39 1.88
N HIS A 114 -12.95 6.95 1.00
CA HIS A 114 -11.64 6.48 1.43
C HIS A 114 -10.56 7.14 0.58
N CYS A 115 -10.74 8.44 0.39
CA CYS A 115 -9.92 9.22 -0.52
C CYS A 115 -8.70 9.81 0.20
N GLY A 116 -8.90 10.26 1.43
CA GLY A 116 -7.82 10.86 2.19
C GLY A 116 -6.97 9.84 2.93
N THR A 117 -6.40 8.89 2.18
CA THR A 117 -5.60 7.82 2.76
C THR A 117 -4.30 7.61 1.98
N VAL A 118 -3.29 7.04 2.64
CA VAL A 118 -2.04 6.69 1.97
C VAL A 118 -2.31 5.71 0.84
N ALA A 119 -3.19 4.75 1.09
CA ALA A 119 -3.53 3.74 0.09
C ALA A 119 -4.08 4.39 -1.18
N ASN A 120 -4.86 5.45 -1.02
CA ASN A 120 -5.38 6.15 -2.19
C ASN A 120 -4.26 6.81 -3.00
N GLY A 121 -3.29 7.39 -2.29
CA GLY A 121 -2.14 8.00 -2.96
C GLY A 121 -1.35 7.01 -3.79
N VAL A 122 -1.21 5.79 -3.28
CA VAL A 122 -0.51 4.75 -4.02
C VAL A 122 -1.27 4.40 -5.29
N LEU A 123 -2.58 4.23 -5.17
CA LEU A 123 -3.45 3.98 -6.32
C LEU A 123 -3.30 5.07 -7.36
N GLN A 124 -3.23 6.31 -6.88
CA GLN A 124 -3.05 7.46 -7.77
C GLN A 124 -1.74 7.36 -8.52
N THR A 125 -0.70 7.00 -7.79
CA THR A 125 0.64 6.88 -8.37
C THR A 125 0.68 5.77 -9.41
N PHE A 126 0.14 4.60 -9.06
CA PHE A 126 0.03 3.49 -9.99
C PHE A 126 -0.71 3.92 -11.26
N MET A 127 -1.76 4.71 -11.08
CA MET A 127 -2.56 5.16 -12.22
C MET A 127 -1.78 6.12 -13.11
N ARG A 128 -1.22 7.16 -12.50
CA ARG A 128 -0.54 8.20 -13.24
C ARG A 128 0.78 7.73 -13.83
N MET A 129 1.40 6.74 -13.19
CA MET A 129 2.67 6.22 -13.68
C MET A 129 2.45 5.04 -14.64
N ALA A 130 1.20 4.59 -14.73
CA ALA A 130 0.85 3.42 -15.54
C ALA A 130 1.69 2.20 -15.13
N TRP A 131 1.57 1.80 -13.88
CA TRP A 131 2.36 0.70 -13.33
C TRP A 131 1.63 -0.63 -13.41
N GLY A 132 0.38 -0.58 -13.89
CA GLY A 132 -0.43 -1.78 -14.03
C GLY A 132 -1.85 -1.60 -13.54
N GLY A 133 -2.80 -2.18 -14.25
CA GLY A 133 -4.19 -2.07 -13.87
C GLY A 133 -4.81 -0.82 -14.45
N SER A 134 -6.13 -0.82 -14.60
CA SER A 134 -6.86 0.36 -15.03
C SER A 134 -7.66 0.91 -13.88
N TYR A 135 -7.66 2.23 -13.74
CA TYR A 135 -8.32 2.87 -12.61
C TYR A 135 -9.19 4.01 -13.10
N ILE A 136 -10.02 4.55 -12.20
CA ILE A 136 -10.78 5.75 -12.52
C ILE A 136 -10.56 6.80 -11.44
N ALA A 137 -10.27 8.03 -11.88
CA ALA A 137 -10.03 9.12 -10.95
C ALA A 137 -11.27 10.01 -10.82
N LEU A 138 -11.76 10.15 -9.61
CA LEU A 138 -12.85 11.07 -9.30
C LEU A 138 -12.25 12.32 -8.68
N ASP A 139 -12.62 13.48 -9.20
CA ASP A 139 -12.14 14.75 -8.66
C ASP A 139 -12.52 14.88 -7.19
N SER A 140 -11.50 14.90 -6.33
CA SER A 140 -11.74 15.16 -4.92
C SER A 140 -11.97 16.65 -4.71
N GLY A 141 -12.06 17.05 -3.45
CA GLY A 141 -12.28 18.45 -3.14
C GLY A 141 -11.02 19.29 -3.29
N ARG A 142 -9.85 18.64 -3.16
CA ARG A 142 -8.61 19.39 -3.03
C ARG A 142 -7.62 19.22 -4.18
N GLY A 143 -7.36 20.33 -4.86
CA GLY A 143 -6.28 20.48 -5.82
C GLY A 143 -5.97 19.33 -6.76
N ASN A 144 -4.79 18.74 -6.58
CA ASN A 144 -4.27 17.72 -7.48
C ASN A 144 -4.69 16.32 -7.06
N TRP A 145 -5.34 16.22 -5.90
CA TRP A 145 -5.69 14.93 -5.33
C TRP A 145 -6.94 14.33 -5.94
N ASP A 146 -6.81 13.13 -6.49
CA ASP A 146 -7.94 12.41 -7.06
C ASP A 146 -8.31 11.20 -6.20
N CYS A 147 -9.61 10.92 -6.11
CA CYS A 147 -10.08 9.71 -5.44
C CYS A 147 -10.10 8.59 -6.47
N ILE A 148 -9.33 7.53 -6.20
CA ILE A 148 -9.11 6.50 -7.21
C ILE A 148 -9.98 5.26 -7.02
N MET A 149 -10.69 4.86 -8.07
CA MET A 149 -11.41 3.59 -8.07
C MET A 149 -10.55 2.45 -8.60
N THR A 150 -10.65 1.29 -7.96
CA THR A 150 -9.94 0.10 -8.43
C THR A 150 -10.71 -1.16 -8.05
N SER A 151 -10.54 -2.19 -8.87
CA SER A 151 -11.18 -3.48 -8.59
C SER A 151 -10.30 -4.38 -7.70
N TYR A 152 -9.05 -3.93 -7.47
CA TYR A 152 -8.14 -4.63 -6.59
C TYR A 152 -8.66 -4.62 -5.15
N GLN A 153 -8.60 -5.76 -4.49
CA GLN A 153 -9.14 -5.89 -3.14
C GLN A 153 -8.11 -5.51 -2.07
N TYR A 154 -6.83 -5.71 -2.37
CA TYR A 154 -5.78 -5.49 -1.38
C TYR A 154 -4.62 -4.65 -1.93
N LEU A 155 -4.08 -3.78 -1.08
CA LEU A 155 -2.79 -3.13 -1.35
C LEU A 155 -1.79 -3.59 -0.30
N ILE A 156 -0.71 -4.22 -0.74
CA ILE A 156 0.24 -4.83 0.18
C ILE A 156 1.62 -4.20 0.11
N ILE A 157 2.15 -3.86 1.27
CA ILE A 157 3.45 -3.22 1.39
C ILE A 157 4.36 -4.06 2.27
N GLN A 158 5.50 -4.47 1.74
CA GLN A 158 6.43 -5.30 2.49
C GLN A 158 7.86 -4.80 2.42
N ASN A 159 8.50 -4.75 3.58
CA ASN A 159 9.93 -4.54 3.67
C ASN A 159 10.65 -5.76 3.09
N THR A 160 11.34 -5.56 1.97
CA THR A 160 12.01 -6.65 1.30
C THR A 160 13.17 -6.10 0.46
N THR A 161 13.97 -7.00 -0.10
CA THR A 161 15.07 -6.57 -0.97
C THR A 161 14.64 -6.68 -2.43
N TRP A 162 15.42 -6.10 -3.33
CA TRP A 162 15.12 -6.20 -4.75
C TRP A 162 15.23 -7.63 -5.24
N GLU A 163 16.14 -8.39 -4.62
CA GLU A 163 16.38 -9.77 -5.01
C GLU A 163 15.20 -10.67 -4.64
N ASP A 164 14.42 -10.27 -3.64
CA ASP A 164 13.32 -11.09 -3.14
C ASP A 164 11.97 -10.46 -3.37
N HIS A 165 11.95 -9.32 -4.07
CA HIS A 165 10.73 -8.53 -4.17
C HIS A 165 9.64 -9.21 -4.99
N CYS A 166 10.00 -10.20 -5.80
CA CYS A 166 9.02 -10.83 -6.67
C CYS A 166 8.24 -11.95 -6.01
N GLN A 167 8.60 -12.29 -4.77
CA GLN A 167 7.82 -13.24 -4.00
C GLN A 167 7.44 -12.61 -2.67
N PHE A 168 6.20 -12.77 -2.24
CA PHE A 168 5.74 -12.24 -0.98
C PHE A 168 6.58 -12.84 0.15
N SER A 169 6.99 -12.00 1.09
CA SER A 169 7.68 -12.49 2.28
C SER A 169 6.65 -13.01 3.28
N ARG A 170 7.09 -13.80 4.25
CA ARG A 170 6.19 -14.25 5.30
C ARG A 170 6.03 -13.17 6.38
N PRO A 171 4.78 -12.76 6.64
CA PRO A 171 4.38 -11.67 7.55
C PRO A 171 4.85 -11.83 8.98
N SER A 172 4.70 -13.02 9.54
CA SER A 172 5.09 -13.27 10.93
C SER A 172 6.28 -14.22 10.98
C1 NAG B . -10.18 -8.83 -8.20
C2 NAG B . -10.19 -9.16 -9.71
C3 NAG B . -11.37 -8.49 -10.41
C4 NAG B . -12.66 -8.92 -9.73
C5 NAG B . -12.63 -8.42 -8.30
C6 NAG B . -13.87 -8.78 -7.52
C7 NAG B . -7.95 -9.67 -10.55
C8 NAG B . -6.72 -9.15 -11.22
N2 NAG B . -8.93 -8.80 -10.35
O3 NAG B . -11.38 -8.85 -11.78
O4 NAG B . -13.84 -8.60 -10.46
O5 NAG B . -11.52 -9.05 -7.62
O6 NAG B . -13.80 -8.31 -6.18
O7 NAG B . -8.04 -10.85 -10.21
C1 NAG B . -14.17 -7.24 -10.73
C2 NAG B . -14.92 -7.25 -12.06
C3 NAG B . -15.42 -5.85 -12.40
C4 NAG B . -16.21 -5.25 -11.24
C5 NAG B . -15.39 -5.33 -9.95
C6 NAG B . -16.16 -4.90 -8.74
C7 NAG B . -14.04 -9.06 -13.46
C8 NAG B . -13.13 -9.42 -14.59
N2 NAG B . -14.09 -7.77 -13.13
O3 NAG B . -16.25 -5.90 -13.56
O4 NAG B . -16.52 -3.88 -11.50
O5 NAG B . -14.98 -6.69 -9.72
O6 NAG B . -17.08 -5.89 -8.33
O7 NAG B . -14.70 -9.91 -12.86
C1 NAG C . -8.74 -8.07 5.28
C2 NAG C . -8.92 -8.18 6.79
C3 NAG C . -8.45 -9.54 7.28
C4 NAG C . -9.14 -10.66 6.52
C5 NAG C . -8.90 -10.47 5.03
C6 NAG C . -9.60 -11.50 4.17
C7 NAG C . -8.83 -6.00 7.93
C8 NAG C . -7.95 -5.00 8.62
N2 NAG C . -8.23 -7.11 7.48
O3 NAG C . -8.69 -9.67 8.67
O4 NAG C . -8.65 -11.93 6.91
O5 NAG C . -9.39 -9.18 4.63
O6 NAG C . -10.93 -11.10 3.87
O7 NAG C . -10.03 -5.82 7.79
C1 NAG C . -9.59 -12.60 7.78
C2 NAG C . -9.35 -14.11 7.70
C3 NAG C . -10.25 -14.86 8.69
C4 NAG C . -10.11 -14.27 10.09
C5 NAG C . -10.39 -12.78 10.04
C6 NAG C . -10.21 -12.10 11.38
C7 NAG C . -8.55 -14.88 5.50
C8 NAG C . -8.96 -15.39 4.16
N2 NAG C . -9.55 -14.62 6.35
O3 NAG C . -9.89 -16.24 8.72
O4 NAG C . -11.03 -14.91 10.98
O5 NAG C . -9.48 -12.16 9.14
O6 NAG C . -11.34 -11.31 11.71
O7 NAG C . -7.38 -14.71 5.81
C1 NAG D . 13.48 -3.02 6.68
C2 NAG D . 13.63 -1.50 6.72
C3 NAG D . 15.05 -1.13 7.12
C4 NAG D . 15.44 -1.81 8.42
C5 NAG D . 15.22 -3.31 8.31
C6 NAG D . 15.45 -4.04 9.61
C7 NAG D . 12.36 0.04 5.30
C8 NAG D . 12.12 0.54 3.91
N2 NAG D . 13.27 -0.92 5.43
O3 NAG D . 15.11 0.28 7.26
O4 NAG D . 16.80 -1.55 8.74
O5 NAG D . 13.86 -3.57 7.93
O6 NAG D . 14.30 -3.96 10.44
O7 NAG D . 11.74 0.49 6.27
C1 NAG E . -2.19 -8.14 18.91
C2 NAG E . -1.99 -9.64 18.67
C3 NAG E . -3.23 -10.43 19.10
C4 NAG E . -3.63 -10.06 20.53
C5 NAG E . -3.77 -8.55 20.67
C6 NAG E . -4.06 -8.12 22.10
C7 NAG E . -0.47 -10.30 16.84
C8 NAG E . -0.34 -10.53 15.37
N2 NAG E . -1.68 -9.91 17.27
O3 NAG E . -2.97 -11.82 19.02
O4 NAG E . -4.87 -10.67 20.87
O5 NAG E . -2.54 -7.91 20.29
O6 NAG E . -2.88 -7.72 22.78
O7 NAG E . 0.47 -10.45 17.62
#